data_1NSF
#
_entry.id   1NSF
#
_cell.length_a   115.996
_cell.length_b   115.996
_cell.length_c   44.130
_cell.angle_alpha   90.00
_cell.angle_beta   90.00
_cell.angle_gamma   120.00
#
_symmetry.space_group_name_H-M   'P 6'
#
loop_
_entity.id
_entity.type
_entity.pdbx_description
1 polymer 'N-ETHYLMALEIMIDE SENSITIVE FACTOR'
2 non-polymer 'MAGNESIUM ION'
3 non-polymer "ADENOSINE-5'-TRIPHOSPHATE"
4 water water
#
_entity_poly.entity_id   1
_entity_poly.type   'polypeptide(L)'
_entity_poly.pdbx_seq_one_letter_code
;GAHMGDFLASLEQDIKPAFGTNQEDYASYIMNGIIKWGDPVTRVLDDGELLVQQTKNSDRTPLVSVLLEGPPHSGKTALA
AKIAEESNFPFIKICSPDKMIGFSETAKCQAMKKIFDDAYKSQLSCVVVDDIERLLDYVPIGPRFSNLVLQALLVLLKKA
PPQGRKLLIIGTTSRKDVLQEMEMLNAFSTTIHVPNIATGEQLLEALELLGNFKDKERTTIAQQVKGKKVWIGIKKLLML
IEMSLQMDPEYRVRKFLALLREEGASPLDFDLE
;
_entity_poly.pdbx_strand_id   A
#
loop_
_chem_comp.id
_chem_comp.type
_chem_comp.name
_chem_comp.formula
ATP non-polymer ADENOSINE-5'-TRIPHOSPHATE 'C10 H16 N5 O13 P3'
MG non-polymer 'MAGNESIUM ION' 'Mg 2'
#
# COMPACT_ATOMS: atom_id res chain seq x y z
N LYS A 16 3.22 19.25 -16.49
CA LYS A 16 1.74 19.04 -16.55
C LYS A 16 1.39 18.09 -17.70
N PRO A 17 0.71 16.98 -17.39
CA PRO A 17 0.32 15.99 -18.39
C PRO A 17 -0.85 16.43 -19.27
N ALA A 18 -1.18 15.62 -20.27
CA ALA A 18 -2.27 15.91 -21.18
C ALA A 18 -3.59 16.00 -20.42
N PHE A 19 -4.53 16.78 -20.95
CA PHE A 19 -5.83 16.96 -20.33
C PHE A 19 -6.46 15.61 -20.00
N GLY A 20 -6.98 15.47 -18.78
CA GLY A 20 -7.62 14.23 -18.38
C GLY A 20 -6.73 13.00 -18.33
N THR A 21 -5.41 13.21 -18.28
CA THR A 21 -4.49 12.08 -18.21
C THR A 21 -3.42 12.30 -17.15
N ASN A 22 -2.70 11.23 -16.82
CA ASN A 22 -1.63 11.28 -15.84
C ASN A 22 -0.94 9.92 -15.74
N GLN A 23 0.38 9.93 -15.91
CA GLN A 23 1.14 8.69 -15.80
C GLN A 23 2.02 8.80 -14.56
N GLU A 24 1.86 7.83 -13.66
CA GLU A 24 2.61 7.83 -12.42
C GLU A 24 4.00 7.19 -12.57
N ASP A 25 4.90 7.54 -11.65
CA ASP A 25 6.24 6.96 -11.64
C ASP A 25 6.23 5.84 -10.61
N TYR A 26 5.84 4.65 -11.06
CA TYR A 26 5.75 3.49 -10.18
C TYR A 26 7.07 3.01 -9.61
N ALA A 27 8.18 3.44 -10.21
CA ALA A 27 9.49 3.02 -9.76
C ALA A 27 9.75 3.43 -8.31
N SER A 28 9.34 4.63 -7.93
CA SER A 28 9.57 5.10 -6.57
C SER A 28 8.65 4.45 -5.54
N TYR A 29 7.52 3.91 -5.97
CA TYR A 29 6.61 3.27 -5.03
C TYR A 29 6.76 1.75 -4.99
N ILE A 30 7.55 1.21 -5.92
CA ILE A 30 7.79 -0.23 -5.97
C ILE A 30 9.28 -0.39 -6.28
N MET A 31 10.14 0.15 -5.42
CA MET A 31 11.57 0.07 -5.70
C MET A 31 12.19 -1.31 -5.64
N ASN A 32 11.58 -2.24 -4.93
CA ASN A 32 12.12 -3.58 -4.84
C ASN A 32 11.16 -4.64 -5.37
N GLY A 33 10.41 -4.28 -6.41
CA GLY A 33 9.47 -5.18 -7.05
C GLY A 33 8.30 -5.71 -6.26
N ILE A 34 7.67 -6.75 -6.79
CA ILE A 34 6.54 -7.40 -6.14
C ILE A 34 6.78 -8.90 -6.24
N ILE A 35 7.40 -9.48 -5.22
CA ILE A 35 7.69 -10.91 -5.25
C ILE A 35 6.54 -11.72 -4.68
N LYS A 36 6.29 -12.89 -5.27
CA LYS A 36 5.21 -13.75 -4.80
C LYS A 36 5.70 -14.64 -3.67
N TRP A 37 5.86 -14.07 -2.48
CA TRP A 37 6.33 -14.84 -1.34
C TRP A 37 5.27 -15.74 -0.75
N GLY A 38 4.01 -15.49 -1.10
CA GLY A 38 2.93 -16.30 -0.57
C GLY A 38 1.60 -16.02 -1.25
N ASP A 39 0.61 -16.87 -0.98
CA ASP A 39 -0.72 -16.71 -1.56
C ASP A 39 -1.37 -15.35 -1.34
N PRO A 40 -1.19 -14.73 -0.17
CA PRO A 40 -1.82 -13.43 0.04
C PRO A 40 -1.42 -12.36 -0.99
N VAL A 41 -0.22 -12.47 -1.53
CA VAL A 41 0.21 -11.48 -2.53
C VAL A 41 -0.68 -11.61 -3.75
N THR A 42 -0.92 -12.85 -4.18
CA THR A 42 -1.76 -13.09 -5.34
C THR A 42 -3.20 -12.67 -5.05
N ARG A 43 -3.65 -12.96 -3.83
CA ARG A 43 -5.01 -12.62 -3.42
C ARG A 43 -5.23 -11.11 -3.48
N VAL A 44 -4.24 -10.34 -3.03
CA VAL A 44 -4.34 -8.89 -3.03
C VAL A 44 -4.44 -8.38 -4.46
N LEU A 45 -3.54 -8.84 -5.33
CA LEU A 45 -3.56 -8.40 -6.73
C LEU A 45 -4.84 -8.83 -7.44
N ASP A 46 -5.32 -10.05 -7.18
CA ASP A 46 -6.54 -10.51 -7.84
C ASP A 46 -7.75 -9.70 -7.38
N ASP A 47 -7.86 -9.45 -6.08
CA ASP A 47 -9.00 -8.67 -5.58
C ASP A 47 -8.95 -7.27 -6.19
N GLY A 48 -7.74 -6.75 -6.36
CA GLY A 48 -7.60 -5.43 -6.93
C GLY A 48 -8.06 -5.39 -8.37
N GLU A 49 -7.71 -6.42 -9.15
CA GLU A 49 -8.12 -6.45 -10.55
C GLU A 49 -9.63 -6.57 -10.71
N LEU A 50 -10.27 -7.24 -9.75
CA LEU A 50 -11.73 -7.38 -9.79
C LEU A 50 -12.39 -6.03 -9.55
N LEU A 51 -11.78 -5.24 -8.68
CA LEU A 51 -12.31 -3.91 -8.37
C LEU A 51 -12.07 -2.98 -9.56
N VAL A 52 -10.96 -3.18 -10.27
CA VAL A 52 -10.68 -2.38 -11.45
C VAL A 52 -11.74 -2.76 -12.49
N GLN A 53 -12.01 -4.05 -12.60
CA GLN A 53 -13.02 -4.53 -13.55
C GLN A 53 -14.38 -3.93 -13.25
N GLN A 54 -14.78 -3.98 -11.98
CA GLN A 54 -16.07 -3.44 -11.56
C GLN A 54 -16.17 -1.95 -11.89
N THR A 55 -15.11 -1.21 -11.60
CA THR A 55 -15.09 0.23 -11.84
C THR A 55 -15.27 0.56 -13.32
N LYS A 56 -14.52 -0.13 -14.17
CA LYS A 56 -14.60 0.13 -15.59
C LYS A 56 -15.91 -0.30 -16.26
N ASN A 57 -16.50 -1.39 -15.78
CA ASN A 57 -17.72 -1.92 -16.39
C ASN A 57 -19.07 -1.56 -15.78
N SER A 58 -19.08 -1.10 -14.53
CA SER A 58 -20.35 -0.80 -13.88
C SER A 58 -20.93 0.61 -14.04
N ASP A 59 -22.25 0.67 -14.19
CA ASP A 59 -22.96 1.94 -14.31
C ASP A 59 -23.58 2.24 -12.95
N ARG A 60 -23.89 1.18 -12.20
CA ARG A 60 -24.48 1.29 -10.87
C ARG A 60 -23.50 1.87 -9.86
N THR A 61 -22.27 1.38 -9.88
CA THR A 61 -21.24 1.83 -8.95
C THR A 61 -20.04 2.35 -9.72
N PRO A 62 -20.14 3.56 -10.29
CA PRO A 62 -19.08 4.18 -11.06
C PRO A 62 -17.94 4.65 -10.13
N LEU A 63 -18.25 4.75 -8.84
CA LEU A 63 -17.24 5.14 -7.85
C LEU A 63 -17.02 3.92 -6.98
N VAL A 64 -15.79 3.44 -6.93
CA VAL A 64 -15.45 2.28 -6.11
C VAL A 64 -14.22 2.64 -5.30
N SER A 65 -14.23 2.33 -4.01
CA SER A 65 -13.09 2.63 -3.17
C SER A 65 -12.69 1.41 -2.36
N VAL A 66 -11.39 1.23 -2.18
CA VAL A 66 -10.91 0.10 -1.41
C VAL A 66 -9.74 0.52 -0.54
N LEU A 67 -9.72 0.02 0.68
CA LEU A 67 -8.65 0.33 1.60
C LEU A 67 -7.72 -0.86 1.78
N LEU A 68 -6.46 -0.72 1.40
CA LEU A 68 -5.50 -1.81 1.64
C LEU A 68 -4.96 -1.50 3.02
N GLU A 69 -5.10 -2.44 3.95
CA GLU A 69 -4.62 -2.23 5.30
C GLU A 69 -3.95 -3.46 5.88
N GLY A 70 -3.02 -3.22 6.78
CA GLY A 70 -2.30 -4.30 7.42
C GLY A 70 -1.24 -3.72 8.34
N PRO A 71 -0.38 -4.57 8.90
CA PRO A 71 0.65 -4.02 9.79
C PRO A 71 1.67 -3.17 9.05
N PRO A 72 2.39 -2.32 9.80
CA PRO A 72 3.38 -1.50 9.11
C PRO A 72 4.42 -2.34 8.39
N HIS A 73 4.90 -1.82 7.26
CA HIS A 73 5.95 -2.46 6.47
C HIS A 73 5.52 -3.71 5.71
N SER A 74 4.22 -4.03 5.71
CA SER A 74 3.74 -5.23 5.03
C SER A 74 3.69 -5.15 3.50
N GLY A 75 3.91 -3.97 2.94
CA GLY A 75 3.92 -3.80 1.49
C GLY A 75 2.67 -3.19 0.87
N LYS A 76 1.91 -2.47 1.69
CA LYS A 76 0.67 -1.86 1.27
C LYS A 76 0.79 -0.89 0.11
N THR A 77 1.72 0.05 0.21
CA THR A 77 1.91 1.06 -0.82
C THR A 77 2.30 0.48 -2.18
N ALA A 78 3.30 -0.39 -2.20
CA ALA A 78 3.74 -1.01 -3.43
C ALA A 78 2.62 -1.82 -4.06
N LEU A 79 1.85 -2.54 -3.25
CA LEU A 79 0.74 -3.32 -3.79
C LEU A 79 -0.37 -2.42 -4.34
N ALA A 80 -0.62 -1.29 -3.67
CA ALA A 80 -1.64 -0.37 -4.14
C ALA A 80 -1.17 0.23 -5.46
N ALA A 81 0.12 0.55 -5.54
CA ALA A 81 0.69 1.13 -6.77
C ALA A 81 0.65 0.12 -7.91
N LYS A 82 0.84 -1.16 -7.57
CA LYS A 82 0.81 -2.22 -8.57
C LYS A 82 -0.62 -2.41 -9.11
N ILE A 83 -1.61 -2.43 -8.21
CA ILE A 83 -3.01 -2.59 -8.61
C ILE A 83 -3.37 -1.43 -9.55
N ALA A 84 -2.95 -0.23 -9.17
CA ALA A 84 -3.24 0.95 -9.98
C ALA A 84 -2.57 0.82 -11.34
N GLU A 85 -1.30 0.44 -11.35
CA GLU A 85 -0.55 0.29 -12.59
C GLU A 85 -1.23 -0.71 -13.53
N GLU A 86 -1.67 -1.84 -12.98
CA GLU A 86 -2.32 -2.87 -13.78
C GLU A 86 -3.71 -2.49 -14.31
N SER A 87 -4.27 -1.38 -13.85
CA SER A 87 -5.59 -0.96 -14.31
C SER A 87 -5.51 -0.41 -15.73
N ASN A 88 -4.33 0.09 -16.10
CA ASN A 88 -4.14 0.66 -17.43
C ASN A 88 -5.07 1.85 -17.68
N PHE A 89 -5.55 2.47 -16.61
CA PHE A 89 -6.42 3.64 -16.77
C PHE A 89 -5.63 4.82 -17.29
N PRO A 90 -6.28 5.70 -18.07
CA PRO A 90 -5.68 6.90 -18.67
C PRO A 90 -5.12 7.84 -17.60
N PHE A 91 -5.83 7.92 -16.48
CA PHE A 91 -5.43 8.77 -15.38
C PHE A 91 -5.14 7.93 -14.13
N ILE A 92 -3.90 7.97 -13.68
CA ILE A 92 -3.49 7.23 -12.48
C ILE A 92 -2.62 8.20 -11.68
N LYS A 93 -3.03 8.50 -10.46
CA LYS A 93 -2.27 9.43 -9.63
C LYS A 93 -2.19 8.95 -8.20
N ILE A 94 -1.01 9.11 -7.60
CA ILE A 94 -0.82 8.72 -6.21
C ILE A 94 -0.68 9.95 -5.32
N CYS A 95 -1.63 10.11 -4.41
CA CYS A 95 -1.62 11.22 -3.46
C CYS A 95 -0.76 10.76 -2.30
N SER A 96 0.46 11.29 -2.23
CA SER A 96 1.43 10.90 -1.21
C SER A 96 1.81 12.00 -0.22
N PRO A 97 1.95 11.65 1.06
CA PRO A 97 2.33 12.64 2.07
C PRO A 97 3.72 13.24 1.87
N ASP A 98 4.62 12.52 1.20
CA ASP A 98 5.96 13.08 1.01
C ASP A 98 5.97 14.22 -0.02
N LYS A 99 4.78 14.67 -0.40
CA LYS A 99 4.65 15.78 -1.33
C LYS A 99 3.87 16.89 -0.62
N MET A 100 3.61 16.68 0.67
CA MET A 100 2.88 17.66 1.46
C MET A 100 3.55 17.90 2.80
N ILE A 101 4.87 17.74 2.84
CA ILE A 101 5.63 17.93 4.08
C ILE A 101 5.52 19.37 4.59
N GLY A 102 5.11 19.51 5.86
CA GLY A 102 4.97 20.83 6.46
C GLY A 102 3.69 21.57 6.10
N PHE A 103 2.87 20.96 5.24
CA PHE A 103 1.59 21.53 4.80
C PHE A 103 0.56 21.74 5.89
N SER A 104 -0.15 22.86 5.82
CA SER A 104 -1.20 23.16 6.77
C SER A 104 -2.40 22.31 6.31
N GLU A 105 -3.42 22.23 7.14
CA GLU A 105 -4.62 21.46 6.78
C GLU A 105 -5.20 21.93 5.45
N THR A 106 -5.34 23.24 5.30
CA THR A 106 -5.90 23.81 4.09
C THR A 106 -5.08 23.43 2.87
N ALA A 107 -3.76 23.55 3.00
CA ALA A 107 -2.87 23.24 1.90
C ALA A 107 -3.03 21.79 1.44
N LYS A 108 -3.18 20.87 2.40
CA LYS A 108 -3.35 19.47 2.04
C LYS A 108 -4.67 19.25 1.32
N CYS A 109 -5.73 19.86 1.84
CA CYS A 109 -7.06 19.70 1.22
C CYS A 109 -7.05 20.23 -0.21
N GLN A 110 -6.41 21.37 -0.43
CA GLN A 110 -6.35 21.94 -1.78
C GLN A 110 -5.58 21.01 -2.71
N ALA A 111 -4.46 20.49 -2.23
CA ALA A 111 -3.64 19.59 -3.03
C ALA A 111 -4.39 18.30 -3.34
N MET A 112 -5.09 17.79 -2.35
CA MET A 112 -5.83 16.55 -2.51
C MET A 112 -7.02 16.79 -3.44
N LYS A 113 -7.71 17.91 -3.25
CA LYS A 113 -8.86 18.24 -4.07
C LYS A 113 -8.46 18.45 -5.53
N LYS A 114 -7.25 18.95 -5.74
CA LYS A 114 -6.76 19.17 -7.10
C LYS A 114 -6.65 17.83 -7.83
N ILE A 115 -6.07 16.85 -7.15
CA ILE A 115 -5.90 15.52 -7.74
C ILE A 115 -7.24 14.93 -8.17
N PHE A 116 -8.24 14.97 -7.30
CA PHE A 116 -9.55 14.43 -7.66
C PHE A 116 -10.18 15.22 -8.79
N ASP A 117 -10.00 16.55 -8.76
CA ASP A 117 -10.55 17.39 -9.81
C ASP A 117 -9.97 16.95 -11.16
N ASP A 118 -8.67 16.68 -11.21
CA ASP A 118 -8.06 16.25 -12.46
C ASP A 118 -8.53 14.86 -12.86
N ALA A 119 -8.74 14.00 -11.87
CA ALA A 119 -9.21 12.63 -12.11
C ALA A 119 -10.60 12.65 -12.76
N TYR A 120 -11.46 13.54 -12.26
CA TYR A 120 -12.82 13.66 -12.77
C TYR A 120 -12.84 13.99 -14.27
N LYS A 121 -11.74 14.54 -14.78
CA LYS A 121 -11.67 14.91 -16.18
C LYS A 121 -11.45 13.70 -17.11
N SER A 122 -11.08 12.57 -16.53
CA SER A 122 -10.86 11.35 -17.29
C SER A 122 -12.08 10.43 -17.22
N GLN A 123 -12.29 9.63 -18.26
CA GLN A 123 -13.41 8.70 -18.28
C GLN A 123 -13.16 7.56 -17.29
N LEU A 124 -11.89 7.20 -17.15
CA LEU A 124 -11.47 6.13 -16.22
C LEU A 124 -10.28 6.64 -15.44
N SER A 125 -10.43 6.73 -14.12
CA SER A 125 -9.33 7.19 -13.30
C SER A 125 -9.15 6.35 -12.05
N CYS A 126 -7.94 6.40 -11.52
CA CYS A 126 -7.59 5.69 -10.30
C CYS A 126 -6.73 6.61 -9.47
N VAL A 127 -7.15 6.84 -8.24
CA VAL A 127 -6.40 7.68 -7.32
C VAL A 127 -6.02 6.88 -6.09
N VAL A 128 -4.74 6.89 -5.76
CA VAL A 128 -4.26 6.20 -4.57
C VAL A 128 -4.06 7.23 -3.46
N VAL A 129 -4.77 7.05 -2.35
CA VAL A 129 -4.60 7.96 -1.21
C VAL A 129 -3.72 7.15 -0.27
N ASP A 130 -2.42 7.37 -0.36
CA ASP A 130 -1.45 6.60 0.41
C ASP A 130 -1.14 7.08 1.82
N ASP A 131 -1.02 6.11 2.72
CA ASP A 131 -0.68 6.35 4.13
C ASP A 131 -1.64 7.37 4.74
N ILE A 132 -2.90 6.98 4.87
CA ILE A 132 -3.94 7.87 5.40
C ILE A 132 -3.56 8.51 6.74
N GLU A 133 -2.91 7.76 7.62
CA GLU A 133 -2.50 8.30 8.93
C GLU A 133 -1.61 9.54 8.83
N ARG A 134 -0.70 9.54 7.86
CA ARG A 134 0.21 10.68 7.66
C ARG A 134 -0.50 11.82 6.97
N LEU A 135 -1.37 11.50 6.00
CA LEU A 135 -2.14 12.52 5.30
C LEU A 135 -2.98 13.32 6.30
N LEU A 136 -3.53 12.62 7.29
CA LEU A 136 -4.36 13.21 8.33
C LEU A 136 -3.58 13.73 9.55
N ASP A 137 -2.26 13.67 9.49
CA ASP A 137 -1.40 14.13 10.59
C ASP A 137 -1.76 13.49 11.92
N TYR A 138 -2.05 12.21 11.88
CA TYR A 138 -2.43 11.48 13.09
C TYR A 138 -1.27 11.13 14.02
N VAL A 139 -1.55 11.19 15.33
CA VAL A 139 -0.60 10.81 16.37
C VAL A 139 -1.49 10.31 17.50
N PRO A 140 -1.18 9.12 18.04
CA PRO A 140 -2.02 8.59 19.13
C PRO A 140 -2.02 9.36 20.45
N ILE A 141 -1.06 10.24 20.66
CA ILE A 141 -1.03 11.02 21.90
C ILE A 141 -2.04 12.14 21.78
N GLY A 142 -3.14 12.01 22.52
CA GLY A 142 -4.21 12.99 22.47
C GLY A 142 -5.53 12.28 22.25
N PRO A 143 -5.79 11.77 21.04
CA PRO A 143 -4.88 11.85 19.91
C PRO A 143 -5.03 13.20 19.21
N ARG A 144 -4.20 13.44 18.21
CA ARG A 144 -4.27 14.68 17.45
C ARG A 144 -4.30 14.28 15.98
N PHE A 145 -4.94 15.10 15.16
CA PHE A 145 -5.00 14.85 13.73
C PHE A 145 -5.67 16.02 13.04
N SER A 146 -5.58 16.07 11.72
CA SER A 146 -6.19 17.16 10.99
C SER A 146 -7.61 16.78 10.59
N ASN A 147 -8.57 17.34 11.30
CA ASN A 147 -9.96 17.03 11.04
C ASN A 147 -10.40 17.59 9.69
N LEU A 148 -9.86 18.74 9.31
CA LEU A 148 -10.21 19.33 8.02
C LEU A 148 -9.87 18.36 6.90
N VAL A 149 -8.70 17.72 7.00
CA VAL A 149 -8.27 16.76 5.98
C VAL A 149 -9.12 15.49 6.04
N LEU A 150 -9.44 15.04 7.25
CA LEU A 150 -10.29 13.86 7.41
C LEU A 150 -11.65 14.11 6.74
N GLN A 151 -12.23 15.27 7.00
CA GLN A 151 -13.54 15.61 6.45
C GLN A 151 -13.50 15.69 4.93
N ALA A 152 -12.44 16.26 4.38
CA ALA A 152 -12.30 16.36 2.94
C ALA A 152 -12.24 14.96 2.35
N LEU A 153 -11.49 14.08 2.99
CA LEU A 153 -11.36 12.70 2.52
C LEU A 153 -12.67 11.93 2.61
N LEU A 154 -13.41 12.10 3.71
CA LEU A 154 -14.70 11.41 3.87
C LEU A 154 -15.66 11.81 2.73
N VAL A 155 -15.63 13.08 2.35
CA VAL A 155 -16.51 13.55 1.28
C VAL A 155 -16.01 13.07 -0.09
N LEU A 156 -14.70 13.17 -0.32
CA LEU A 156 -14.12 12.75 -1.59
C LEU A 156 -14.33 11.25 -1.85
N LEU A 157 -14.32 10.45 -0.78
CA LEU A 157 -14.54 9.02 -0.93
C LEU A 157 -15.94 8.67 -1.39
N LYS A 158 -16.88 9.60 -1.24
CA LYS A 158 -18.25 9.35 -1.64
C LYS A 158 -18.74 10.22 -2.79
N LYS A 159 -17.87 11.06 -3.33
CA LYS A 159 -18.25 11.93 -4.43
C LYS A 159 -18.06 11.25 -5.79
N ALA A 160 -19.17 10.93 -6.45
CA ALA A 160 -19.11 10.28 -7.75
C ALA A 160 -18.57 11.24 -8.80
N PRO A 161 -17.74 10.75 -9.71
CA PRO A 161 -17.20 11.63 -10.76
C PRO A 161 -18.39 12.11 -11.59
N PRO A 162 -18.18 13.12 -12.46
CA PRO A 162 -19.34 13.55 -13.25
C PRO A 162 -19.90 12.39 -14.06
N GLN A 163 -21.23 12.31 -14.11
CA GLN A 163 -21.98 11.26 -14.81
C GLN A 163 -21.25 10.55 -15.95
N GLY A 164 -21.25 9.22 -15.86
CA GLY A 164 -20.63 8.41 -16.89
C GLY A 164 -19.16 8.08 -16.70
N ARG A 165 -18.46 8.89 -15.92
CA ARG A 165 -17.04 8.66 -15.69
C ARG A 165 -16.82 7.81 -14.44
N LYS A 166 -15.77 7.00 -14.46
CA LYS A 166 -15.47 6.11 -13.34
C LYS A 166 -14.21 6.45 -12.56
N LEU A 167 -14.21 6.10 -11.28
CA LEU A 167 -13.08 6.36 -10.43
C LEU A 167 -12.87 5.26 -9.40
N LEU A 168 -11.65 4.73 -9.35
CA LEU A 168 -11.30 3.73 -8.36
C LEU A 168 -10.37 4.42 -7.38
N ILE A 169 -10.76 4.46 -6.12
CA ILE A 169 -9.93 5.08 -5.09
C ILE A 169 -9.33 3.95 -4.28
N ILE A 170 -8.01 3.98 -4.11
CA ILE A 170 -7.31 2.95 -3.34
C ILE A 170 -6.58 3.64 -2.20
N GLY A 171 -6.97 3.34 -0.97
CA GLY A 171 -6.28 3.93 0.16
C GLY A 171 -5.38 2.89 0.81
N THR A 172 -4.38 3.33 1.57
CA THR A 172 -3.52 2.40 2.30
C THR A 172 -3.37 2.95 3.71
N THR A 173 -3.21 2.05 4.67
CA THR A 173 -3.06 2.45 6.05
C THR A 173 -2.51 1.29 6.87
N SER A 174 -1.85 1.63 7.97
CA SER A 174 -1.32 0.64 8.89
C SER A 174 -2.17 0.74 10.16
N ARG A 175 -3.17 1.61 10.14
CA ARG A 175 -4.04 1.81 11.30
C ARG A 175 -5.54 1.72 11.00
N LYS A 176 -5.98 0.56 10.53
CA LYS A 176 -7.39 0.37 10.21
C LYS A 176 -8.28 0.74 11.40
N ASP A 177 -7.79 0.44 12.60
CA ASP A 177 -8.54 0.73 13.83
C ASP A 177 -8.86 2.22 13.97
N VAL A 178 -7.85 3.07 13.72
CA VAL A 178 -8.05 4.51 13.82
C VAL A 178 -9.06 4.99 12.79
N LEU A 179 -8.90 4.53 11.54
CA LEU A 179 -9.82 4.92 10.49
C LEU A 179 -11.25 4.48 10.79
N GLN A 180 -11.40 3.35 11.49
CA GLN A 180 -12.75 2.89 11.82
C GLN A 180 -13.38 3.88 12.80
N GLU A 181 -12.62 4.28 13.82
CA GLU A 181 -13.11 5.24 14.82
C GLU A 181 -13.50 6.55 14.15
N MET A 182 -12.79 6.90 13.09
CA MET A 182 -13.06 8.14 12.37
C MET A 182 -14.22 8.00 11.40
N GLU A 183 -14.85 6.84 11.40
CA GLU A 183 -15.99 6.54 10.51
C GLU A 183 -15.57 6.44 9.05
N MET A 184 -14.28 6.30 8.78
CA MET A 184 -13.84 6.22 7.40
C MET A 184 -14.15 4.87 6.74
N LEU A 185 -14.27 3.81 7.53
CA LEU A 185 -14.60 2.50 6.96
C LEU A 185 -15.98 2.47 6.31
N ASN A 186 -16.89 3.32 6.79
CA ASN A 186 -18.23 3.38 6.18
C ASN A 186 -18.14 4.07 4.84
N ALA A 187 -17.04 4.77 4.60
CA ALA A 187 -16.86 5.47 3.34
C ALA A 187 -16.29 4.55 2.27
N PHE A 188 -15.36 3.67 2.65
CA PHE A 188 -14.78 2.73 1.69
C PHE A 188 -15.75 1.64 1.28
N SER A 189 -15.74 1.27 0.01
CA SER A 189 -16.63 0.24 -0.51
C SER A 189 -16.27 -1.11 0.10
N THR A 190 -14.98 -1.35 0.23
CA THR A 190 -14.50 -2.60 0.80
C THR A 190 -13.05 -2.42 1.25
N THR A 191 -12.50 -3.45 1.87
CA THR A 191 -11.12 -3.39 2.33
C THR A 191 -10.40 -4.68 1.97
N ILE A 192 -9.09 -4.58 1.78
CA ILE A 192 -8.25 -5.73 1.46
C ILE A 192 -7.13 -5.80 2.48
N HIS A 193 -7.03 -6.92 3.18
CA HIS A 193 -5.99 -7.08 4.17
C HIS A 193 -4.64 -7.42 3.54
N VAL A 194 -3.60 -6.70 3.95
CA VAL A 194 -2.23 -6.92 3.44
C VAL A 194 -1.43 -7.42 4.63
N PRO A 195 -1.29 -8.75 4.76
CA PRO A 195 -0.55 -9.35 5.87
C PRO A 195 0.97 -9.39 5.82
N ASN A 196 1.57 -9.55 6.99
CA ASN A 196 3.02 -9.69 7.06
C ASN A 196 3.26 -11.14 6.64
N ILE A 197 4.53 -11.47 6.39
CA ILE A 197 4.91 -12.82 6.07
C ILE A 197 4.60 -13.53 7.39
N ALA A 198 3.91 -14.65 7.35
CA ALA A 198 3.53 -15.32 8.60
C ALA A 198 4.07 -16.71 8.88
N THR A 199 4.63 -17.38 7.88
CA THR A 199 5.15 -18.74 8.10
C THR A 199 6.60 -18.86 7.65
N GLY A 200 7.30 -19.85 8.20
CA GLY A 200 8.68 -20.08 7.83
C GLY A 200 8.79 -20.35 6.34
N GLU A 201 7.78 -21.02 5.79
CA GLU A 201 7.76 -21.33 4.36
C GLU A 201 7.74 -20.04 3.55
N GLN A 202 6.83 -19.14 3.90
CA GLN A 202 6.71 -17.87 3.19
C GLN A 202 8.00 -17.07 3.33
N LEU A 203 8.62 -17.17 4.50
CA LEU A 203 9.87 -16.47 4.75
C LEU A 203 10.98 -17.03 3.86
N LEU A 204 11.04 -18.36 3.75
CA LEU A 204 12.05 -18.99 2.92
C LEU A 204 11.82 -18.65 1.45
N GLU A 205 10.55 -18.62 1.04
CA GLU A 205 10.21 -18.28 -0.33
C GLU A 205 10.70 -16.86 -0.64
N ALA A 206 10.49 -15.94 0.29
CA ALA A 206 10.93 -14.55 0.09
C ALA A 206 12.44 -14.48 -0.10
N LEU A 207 13.18 -15.13 0.79
CA LEU A 207 14.63 -15.13 0.70
C LEU A 207 15.08 -15.70 -0.64
N GLU A 208 14.43 -16.76 -1.09
CA GLU A 208 14.78 -17.37 -2.37
C GLU A 208 14.54 -16.41 -3.53
N LEU A 209 13.35 -15.82 -3.57
CA LEU A 209 13.01 -14.87 -4.62
C LEU A 209 13.90 -13.64 -4.62
N LEU A 210 14.42 -13.29 -3.44
CA LEU A 210 15.29 -12.13 -3.31
C LEU A 210 16.74 -12.54 -3.56
N GLY A 211 17.00 -13.83 -3.40
CA GLY A 211 18.32 -14.40 -3.61
C GLY A 211 19.50 -13.76 -2.91
N ASN A 212 19.50 -13.73 -1.58
CA ASN A 212 20.62 -13.13 -0.86
C ASN A 212 21.49 -14.12 -0.11
N PHE A 213 20.93 -15.24 0.31
CA PHE A 213 21.74 -16.21 1.04
C PHE A 213 22.05 -17.46 0.20
N LYS A 214 23.13 -18.14 0.57
CA LYS A 214 23.55 -19.36 -0.11
C LYS A 214 22.69 -20.50 0.42
N ASP A 215 22.55 -21.58 -0.36
CA ASP A 215 21.75 -22.71 0.04
C ASP A 215 22.07 -23.19 1.45
N LYS A 216 23.36 -23.27 1.77
CA LYS A 216 23.78 -23.70 3.09
C LYS A 216 23.15 -22.79 4.14
N GLU A 217 23.19 -21.50 3.87
CA GLU A 217 22.64 -20.50 4.78
C GLU A 217 21.12 -20.61 4.87
N ARG A 218 20.45 -20.72 3.74
CA ARG A 218 19.00 -20.84 3.74
C ARG A 218 18.61 -22.13 4.45
N THR A 219 19.47 -23.14 4.34
CA THR A 219 19.21 -24.41 5.00
C THR A 219 19.24 -24.20 6.50
N THR A 220 20.25 -23.48 6.97
CA THR A 220 20.39 -23.19 8.39
C THR A 220 19.15 -22.43 8.84
N ILE A 221 18.81 -21.36 8.13
CA ILE A 221 17.65 -20.55 8.46
C ILE A 221 16.40 -21.43 8.49
N ALA A 222 16.25 -22.26 7.46
CA ALA A 222 15.11 -23.16 7.35
C ALA A 222 14.98 -24.02 8.59
N GLN A 223 16.09 -24.61 9.04
CA GLN A 223 16.09 -25.45 10.23
C GLN A 223 15.50 -24.68 11.40
N GLN A 224 15.70 -23.37 11.41
CA GLN A 224 15.22 -22.52 12.48
C GLN A 224 13.82 -21.93 12.28
N VAL A 225 13.33 -21.90 11.04
CA VAL A 225 12.01 -21.31 10.80
C VAL A 225 10.97 -22.19 10.11
N LYS A 226 11.42 -23.20 9.38
CA LYS A 226 10.46 -24.05 8.68
C LYS A 226 9.47 -24.71 9.63
N GLY A 227 8.22 -24.80 9.18
CA GLY A 227 7.18 -25.40 9.99
C GLY A 227 6.90 -24.58 11.24
N LYS A 228 7.35 -23.33 11.22
CA LYS A 228 7.17 -22.43 12.37
C LYS A 228 6.45 -21.16 11.91
N LYS A 229 6.09 -20.30 12.86
CA LYS A 229 5.41 -19.05 12.54
C LYS A 229 6.28 -17.84 12.77
N VAL A 230 6.17 -16.86 11.89
CA VAL A 230 6.92 -15.63 12.00
C VAL A 230 5.94 -14.49 11.75
N TRP A 231 6.40 -13.26 11.93
CA TRP A 231 5.54 -12.11 11.71
C TRP A 231 6.42 -10.93 11.32
N ILE A 232 6.60 -10.74 10.01
CA ILE A 232 7.44 -9.65 9.54
C ILE A 232 7.00 -9.13 8.18
N GLY A 233 6.97 -7.81 8.04
CA GLY A 233 6.57 -7.21 6.78
C GLY A 233 7.68 -7.29 5.75
N ILE A 234 7.31 -7.47 4.49
CA ILE A 234 8.31 -7.61 3.42
C ILE A 234 9.31 -6.44 3.40
N LYS A 235 8.83 -5.23 3.68
CA LYS A 235 9.74 -4.07 3.68
C LYS A 235 10.73 -4.20 4.83
N LYS A 236 10.26 -4.68 5.98
CA LYS A 236 11.10 -4.88 7.16
C LYS A 236 12.12 -5.99 6.89
N LEU A 237 11.67 -7.05 6.22
CA LEU A 237 12.56 -8.17 5.89
C LEU A 237 13.73 -7.69 5.03
N LEU A 238 13.44 -6.82 4.07
CA LEU A 238 14.50 -6.29 3.21
C LEU A 238 15.60 -5.62 4.03
N MET A 239 15.21 -4.87 5.05
CA MET A 239 16.17 -4.18 5.90
C MET A 239 16.99 -5.14 6.76
N LEU A 240 16.33 -6.15 7.32
CA LEU A 240 17.05 -7.10 8.17
C LEU A 240 18.09 -7.87 7.35
N ILE A 241 17.72 -8.23 6.12
CA ILE A 241 18.64 -8.95 5.23
C ILE A 241 19.86 -8.07 4.97
N GLU A 242 19.60 -6.87 4.48
CA GLU A 242 20.66 -5.93 4.15
C GLU A 242 21.57 -5.67 5.36
N MET A 243 21.02 -5.61 6.56
CA MET A 243 21.85 -5.40 7.74
C MET A 243 22.70 -6.64 7.97
N SER A 244 22.12 -7.82 7.76
CA SER A 244 22.84 -9.07 7.93
C SER A 244 24.02 -9.19 6.98
N LEU A 245 23.85 -8.70 5.75
CA LEU A 245 24.89 -8.77 4.74
C LEU A 245 26.13 -7.94 5.03
N GLN A 246 26.10 -7.11 6.07
CA GLN A 246 27.26 -6.29 6.40
C GLN A 246 28.23 -7.05 7.29
N MET A 247 27.80 -8.21 7.78
CA MET A 247 28.62 -9.04 8.65
C MET A 247 29.60 -9.88 7.84
N ASP A 248 30.62 -10.42 8.50
CA ASP A 248 31.59 -11.28 7.83
C ASP A 248 30.79 -12.50 7.40
N PRO A 249 31.08 -13.05 6.22
CA PRO A 249 30.38 -14.22 5.68
C PRO A 249 29.97 -15.27 6.73
N GLU A 250 30.89 -15.59 7.61
CA GLU A 250 30.65 -16.57 8.64
C GLU A 250 29.63 -16.20 9.71
N TYR A 251 29.24 -14.92 9.76
CA TYR A 251 28.28 -14.48 10.76
C TYR A 251 26.98 -13.91 10.22
N ARG A 252 26.82 -13.89 8.90
CA ARG A 252 25.60 -13.34 8.29
C ARG A 252 24.33 -14.01 8.80
N VAL A 253 24.31 -15.35 8.77
CA VAL A 253 23.13 -16.08 9.23
C VAL A 253 22.86 -15.81 10.71
N ARG A 254 23.90 -15.89 11.55
CA ARG A 254 23.74 -15.64 12.97
C ARG A 254 23.05 -14.28 13.17
N LYS A 255 23.57 -13.28 12.49
CA LYS A 255 23.03 -11.94 12.60
C LYS A 255 21.56 -11.91 12.16
N PHE A 256 21.28 -12.52 11.02
CA PHE A 256 19.92 -12.55 10.49
C PHE A 256 18.92 -13.13 11.49
N LEU A 257 19.22 -14.31 12.03
CA LEU A 257 18.32 -14.94 12.99
C LEU A 257 18.18 -14.13 14.27
N ALA A 258 19.25 -13.48 14.69
CA ALA A 258 19.20 -12.67 15.90
C ALA A 258 18.25 -11.50 15.68
N LEU A 259 18.41 -10.81 14.55
CA LEU A 259 17.54 -9.68 14.22
C LEU A 259 16.09 -10.14 14.12
N LEU A 260 15.88 -11.27 13.45
CA LEU A 260 14.55 -11.82 13.26
C LEU A 260 13.94 -12.22 14.60
N ARG A 261 14.80 -12.65 15.51
CA ARG A 261 14.40 -13.09 16.84
C ARG A 261 13.81 -12.00 17.73
N GLU A 262 14.53 -10.89 17.86
CA GLU A 262 14.10 -9.81 18.73
C GLU A 262 13.13 -8.82 18.09
MG MG B . 3.20 2.68 2.79
PG ATP C . 4.67 1.55 5.51
O1G ATP C . 3.72 2.47 4.92
O2G ATP C . 5.94 2.16 5.91
O3G ATP C . 4.02 0.75 6.61
PB ATP C . 4.29 -0.36 3.30
O1B ATP C . 3.53 0.54 2.41
O2B ATP C . 3.55 -1.42 4.03
O3B ATP C . 5.15 0.54 4.35
PA ATP C . 6.13 -0.41 1.06
O1A ATP C . 5.22 -0.76 -0.03
O2A ATP C . 6.61 0.98 1.20
O3A ATP C . 5.43 -0.91 2.41
O5' ATP C . 7.36 -1.36 1.05
C5' ATP C . 7.39 -2.61 0.36
C4' ATP C . 8.75 -2.81 -0.26
O4' ATP C . 8.90 -4.22 -0.48
C3' ATP C . 8.94 -2.14 -1.62
O3' ATP C . 10.36 -1.94 -1.75
C2' ATP C . 8.43 -3.23 -2.53
O2' ATP C . 8.96 -3.13 -3.84
C1' ATP C . 9.00 -4.51 -1.88
N9 ATP C . 8.22 -5.75 -2.18
C8 ATP C . 8.67 -6.95 -2.67
N7 ATP C . 7.76 -7.86 -2.83
C5 ATP C . 6.61 -7.22 -2.41
C6 ATP C . 5.24 -7.64 -2.31
N6 ATP C . 4.87 -8.86 -2.66
N1 ATP C . 4.32 -6.74 -1.85
C2 ATP C . 4.70 -5.52 -1.50
N3 ATP C . 5.94 -5.00 -1.54
C4 ATP C . 6.86 -5.92 -2.01
#